data_6WLU
#
_entry.id   6WLU
#
_entity_poly.entity_id   1
_entity_poly.type   'polyribonucleotide'
_entity_poly.pdbx_seq_one_letter_code
;GGUCCGUUGAAGACUGCAGGAGAGUGGUUGUUAACCAGAUUUUAACAUCUGAGCCAAAUAACCCGCCGAAGAAGUAAAUC
UUUCAGGUGCAUUAUUCUUAGCCAUAUAUUGGCAACGAAUAAGCGAGGACUGUAGUUGGAGGAACCUCUGGAGAGAACCG
UUUAAUCGGUCGCCGAAGGAGCAAGCUCUGCGCAUAUGCAGAGUGAAACUCUCAGGCAAAAGGACAGAGGA
;
_entity_poly.pdbx_strand_id   A
#
loop_
_chem_comp.id
_chem_comp.type
_chem_comp.name
_chem_comp.formula
A RNA linking ADENOSINE-5'-MONOPHOSPHATE 'C10 H14 N5 O7 P'
C RNA linking CYTIDINE-5'-MONOPHOSPHATE 'C9 H14 N3 O8 P'
G RNA linking GUANOSINE-5'-MONOPHOSPHATE 'C10 H14 N5 O8 P'
U RNA linking URIDINE-5'-MONOPHOSPHATE 'C9 H13 N2 O9 P'
#